data_2FVS
#
_entry.id   2FVS
#
_cell.length_a   54.238
_cell.length_b   145.680
_cell.length_c   46.943
_cell.angle_alpha   90.00
_cell.angle_beta   90.00
_cell.angle_gamma   90.00
#
_symmetry.space_group_name_H-M   'P 21 21 2'
#
loop_
_entity.id
_entity.type
_entity.pdbx_description
1 polymer "5'-D(*CP*AP*CP*AP*AP*TP*GP*AP*TP*CP*AP*TP*TP*GP*TP*G)-3'"
2 polymer 'reverse transcriptase'
3 water water
#
loop_
_entity_poly.entity_id
_entity_poly.type
_entity_poly.pdbx_seq_one_letter_code
_entity_poly.pdbx_strand_id
1 'polydeoxyribonucleotide' (DC)(DA)(DC)(DA)(DA)(DT)(DG)(DA)(DT)(DC)(DA)(DT)(DT)(DG)(DT)(DG) B
2 'polypeptide(L)'
;TWLSDFPQAWAETGGMGLAVRQAPLIIPLKATSTPVSIKQYPMSQEARLGIKPHIQRLLDQGILVPCQSPWNTPLLPVKK
PGTNDYRPVQDLREVNKRVEDIHPTVPNPYNLLSGLPPSHQWYTVLDLKDAFFCLRLHPTSQPLFAFEWRDPEMGISGQL
TWTRLPQGFKNSPTLFDEALHRDLADFRIQHPDLILLQYVDDLLLAATSELDCQQGTRALLQTLGNLGYRASAKKAQICQ
KQVKYLGYLLKEGQR
;
A
#
loop_
_chem_comp.id
_chem_comp.type
_chem_comp.name
_chem_comp.formula
DA DNA linking 2'-DEOXYADENOSINE-5'-MONOPHOSPHATE 'C10 H14 N5 O6 P'
DC DNA linking 2'-DEOXYCYTIDINE-5'-MONOPHOSPHATE 'C9 H14 N3 O7 P'
DG DNA linking 2'-DEOXYGUANOSINE-5'-MONOPHOSPHATE 'C10 H14 N5 O7 P'
DT DNA linking THYMIDINE-5'-MONOPHOSPHATE 'C10 H15 N2 O8 P'
#
# COMPACT_ATOMS: atom_id res chain seq x y z
N THR B 1 12.29 16.92 15.86
CA THR B 1 10.81 17.01 16.12
C THR B 1 10.01 16.78 14.84
N TRP B 2 10.48 15.86 14.01
CA TRP B 2 9.81 15.55 12.75
C TRP B 2 8.38 15.07 12.98
N LEU B 3 8.25 14.03 13.80
CA LEU B 3 6.95 13.44 14.11
C LEU B 3 6.05 14.49 14.77
N SER B 4 6.54 15.72 14.87
CA SER B 4 5.80 16.80 15.50
C SER B 4 5.31 17.88 14.51
N ASP B 5 6.17 18.29 13.58
CA ASP B 5 5.81 19.31 12.60
C ASP B 5 4.85 18.85 11.51
N PHE B 6 4.84 17.55 11.24
CA PHE B 6 3.96 17.00 10.19
C PHE B 6 3.14 15.85 10.75
N PRO B 7 2.33 16.12 11.78
CA PRO B 7 1.51 15.05 12.36
C PRO B 7 0.66 14.30 11.34
N GLN B 8 0.17 15.04 10.35
CA GLN B 8 -0.69 14.47 9.31
C GLN B 8 0.02 13.57 8.29
N ALA B 9 1.34 13.59 8.30
CA ALA B 9 2.10 12.77 7.36
C ALA B 9 2.50 11.40 7.90
N TRP B 10 2.51 11.24 9.22
CA TRP B 10 2.90 9.97 9.82
C TRP B 10 1.71 9.07 10.17
N ALA B 11 1.83 7.79 9.82
CA ALA B 11 0.77 6.82 10.08
C ALA B 11 0.42 6.73 11.57
N GLU B 12 1.38 7.08 12.41
CA GLU B 12 1.19 7.02 13.86
C GLU B 12 0.43 8.23 14.42
N THR B 13 0.52 9.37 13.74
CA THR B 13 -0.14 10.56 14.23
C THR B 13 -1.09 11.21 13.25
N GLY B 14 -1.47 10.49 12.19
CA GLY B 14 -2.37 11.07 11.21
C GLY B 14 -3.55 10.19 10.83
N GLY B 15 -3.61 8.99 11.42
CA GLY B 15 -4.70 8.08 11.12
C GLY B 15 -4.57 7.47 9.73
N MET B 16 -5.36 6.42 9.46
CA MET B 16 -5.36 5.73 8.15
C MET B 16 -5.52 6.73 7.00
N GLY B 17 -4.85 6.45 5.89
CA GLY B 17 -4.88 7.34 4.74
C GLY B 17 -5.98 7.15 3.71
N LEU B 18 -6.00 8.09 2.76
CA LEU B 18 -6.98 8.12 1.67
C LEU B 18 -6.48 9.11 0.61
N ALA B 19 -6.16 8.61 -0.59
CA ALA B 19 -5.67 9.46 -1.67
C ALA B 19 -6.84 10.26 -2.25
N VAL B 20 -7.06 11.43 -1.67
CA VAL B 20 -8.16 12.32 -2.07
C VAL B 20 -8.20 12.78 -3.52
N ARG B 21 -7.05 12.86 -4.17
CA ARG B 21 -7.02 13.31 -5.56
C ARG B 21 -7.21 12.16 -6.55
N GLN B 22 -7.19 10.92 -6.04
CA GLN B 22 -7.34 9.75 -6.93
C GLN B 22 -8.76 9.23 -7.06
N ALA B 23 -9.26 9.24 -8.28
CA ALA B 23 -10.61 8.75 -8.54
C ALA B 23 -10.69 7.27 -8.21
N PRO B 24 -11.85 6.82 -7.73
CA PRO B 24 -12.09 5.42 -7.36
C PRO B 24 -11.78 4.49 -8.53
N LEU B 25 -10.98 3.46 -8.26
CA LEU B 25 -10.56 2.51 -9.27
C LEU B 25 -11.60 1.54 -9.83
N ILE B 26 -11.62 1.46 -11.15
CA ILE B 26 -12.51 0.54 -11.86
C ILE B 26 -11.55 -0.53 -12.40
N ILE B 27 -11.86 -1.79 -12.11
CA ILE B 27 -11.02 -2.92 -12.54
C ILE B 27 -11.65 -3.63 -13.74
N PRO B 28 -11.11 -3.42 -14.94
CA PRO B 28 -11.68 -4.09 -16.13
C PRO B 28 -11.40 -5.58 -16.14
N LEU B 29 -12.40 -6.35 -16.55
CA LEU B 29 -12.29 -7.80 -16.64
C LEU B 29 -12.02 -8.23 -18.07
N LYS B 30 -11.49 -9.44 -18.22
CA LYS B 30 -11.25 -9.97 -19.56
C LYS B 30 -12.63 -10.16 -20.21
N ALA B 31 -12.67 -10.04 -21.52
CA ALA B 31 -13.91 -10.19 -22.31
C ALA B 31 -14.76 -11.44 -22.03
N THR B 32 -14.14 -12.55 -21.66
CA THR B 32 -14.90 -13.77 -21.39
C THR B 32 -15.13 -14.11 -19.91
N SER B 33 -14.76 -13.20 -19.01
CA SER B 33 -14.89 -13.46 -17.58
C SER B 33 -16.30 -13.52 -16.99
N THR B 34 -16.50 -14.53 -16.16
CA THR B 34 -17.76 -14.74 -15.46
C THR B 34 -17.43 -14.91 -13.98
N PRO B 35 -18.31 -14.45 -13.09
CA PRO B 35 -18.02 -14.60 -11.65
C PRO B 35 -17.65 -16.00 -11.21
N VAL B 36 -16.67 -16.11 -10.32
CA VAL B 36 -16.26 -17.40 -9.79
C VAL B 36 -16.45 -17.35 -8.27
N SER B 37 -17.24 -18.30 -7.75
CA SER B 37 -17.51 -18.35 -6.31
C SER B 37 -16.85 -19.58 -5.69
N ILE B 38 -15.73 -19.38 -5.01
CA ILE B 38 -15.01 -20.48 -4.39
C ILE B 38 -15.38 -20.62 -2.91
N LYS B 39 -15.70 -21.83 -2.51
CA LYS B 39 -16.08 -22.13 -1.13
C LYS B 39 -14.97 -21.80 -0.12
N GLN B 40 -15.39 -21.38 1.07
CA GLN B 40 -14.45 -21.05 2.12
C GLN B 40 -14.11 -22.32 2.91
N TYR B 41 -12.84 -22.71 2.90
CA TYR B 41 -12.43 -23.90 3.64
C TYR B 41 -12.74 -23.64 5.13
N PRO B 42 -13.28 -24.65 5.83
CA PRO B 42 -13.60 -24.45 7.25
C PRO B 42 -12.36 -23.90 7.96
N MET B 43 -12.57 -23.04 8.94
CA MET B 43 -11.46 -22.43 9.66
C MET B 43 -11.53 -22.69 11.17
N SER B 44 -10.47 -23.25 11.71
CA SER B 44 -10.42 -23.55 13.14
C SER B 44 -10.70 -22.30 13.97
N GLN B 45 -11.29 -22.50 15.14
CA GLN B 45 -11.58 -21.39 16.01
C GLN B 45 -10.31 -20.57 16.29
N GLU B 46 -9.21 -21.25 16.55
CA GLU B 46 -7.96 -20.56 16.83
C GLU B 46 -7.61 -19.56 15.73
N ALA B 47 -7.64 -20.01 14.48
CA ALA B 47 -7.34 -19.14 13.36
C ALA B 47 -8.32 -17.98 13.34
N ARG B 48 -9.61 -18.29 13.42
CA ARG B 48 -10.66 -17.29 13.39
C ARG B 48 -10.50 -16.23 14.49
N LEU B 49 -10.14 -16.69 15.69
CA LEU B 49 -9.95 -15.81 16.83
C LEU B 49 -8.73 -14.92 16.58
N GLY B 50 -7.72 -15.48 15.91
CA GLY B 50 -6.54 -14.70 15.63
C GLY B 50 -6.82 -13.60 14.61
N ILE B 51 -7.68 -13.91 13.64
CA ILE B 51 -8.04 -13.00 12.56
C ILE B 51 -9.11 -11.95 12.88
N LYS B 52 -10.07 -12.32 13.71
CA LYS B 52 -11.18 -11.43 14.07
C LYS B 52 -10.84 -9.96 14.36
N PRO B 53 -9.87 -9.70 15.25
CA PRO B 53 -9.53 -8.30 15.54
C PRO B 53 -9.20 -7.47 14.30
N HIS B 54 -8.39 -8.01 13.39
CA HIS B 54 -8.04 -7.29 12.17
C HIS B 54 -9.29 -6.98 11.36
N ILE B 55 -10.15 -7.97 11.23
CA ILE B 55 -11.39 -7.80 10.47
C ILE B 55 -12.25 -6.69 11.07
N GLN B 56 -12.43 -6.72 12.39
CA GLN B 56 -13.25 -5.73 13.06
C GLN B 56 -12.68 -4.33 12.86
N ARG B 57 -11.38 -4.20 13.05
CA ARG B 57 -10.72 -2.92 12.87
C ARG B 57 -10.95 -2.41 11.43
N LEU B 58 -10.81 -3.29 10.45
CA LEU B 58 -11.02 -2.91 9.06
C LEU B 58 -12.47 -2.51 8.81
N LEU B 59 -13.41 -3.13 9.50
CA LEU B 59 -14.81 -2.79 9.34
C LEU B 59 -15.04 -1.40 9.95
N ASP B 60 -14.42 -1.17 11.09
CA ASP B 60 -14.54 0.12 11.77
C ASP B 60 -13.97 1.23 10.89
N GLN B 61 -12.90 0.91 10.15
CA GLN B 61 -12.26 1.87 9.27
C GLN B 61 -12.98 1.99 7.94
N GLY B 62 -14.02 1.18 7.76
CA GLY B 62 -14.77 1.23 6.51
C GLY B 62 -14.02 0.64 5.31
N ILE B 63 -12.85 0.02 5.57
CA ILE B 63 -12.06 -0.57 4.51
C ILE B 63 -12.76 -1.86 4.06
N LEU B 64 -13.48 -2.50 4.99
CA LEU B 64 -14.27 -3.69 4.68
C LEU B 64 -15.73 -3.32 4.96
N VAL B 65 -16.65 -3.82 4.14
CA VAL B 65 -18.07 -3.58 4.32
C VAL B 65 -18.83 -4.84 3.93
N PRO B 66 -20.04 -5.02 4.48
CA PRO B 66 -20.86 -6.21 4.15
C PRO B 66 -21.23 -6.17 2.68
N CYS B 67 -21.57 -7.32 2.12
CA CYS B 67 -21.96 -7.38 0.72
C CYS B 67 -22.48 -8.75 0.36
N GLN B 68 -23.15 -8.81 -0.80
CA GLN B 68 -23.69 -10.04 -1.36
C GLN B 68 -23.11 -10.01 -2.78
N SER B 69 -22.27 -10.98 -3.10
CA SER B 69 -21.63 -11.00 -4.41
C SER B 69 -21.53 -12.37 -5.04
N PRO B 70 -21.66 -12.44 -6.36
CA PRO B 70 -21.57 -13.70 -7.07
C PRO B 70 -20.10 -14.17 -7.09
N TRP B 71 -19.19 -13.31 -6.65
CA TRP B 71 -17.77 -13.64 -6.58
C TRP B 71 -17.43 -14.03 -5.15
N ASN B 72 -16.43 -14.86 -4.98
CA ASN B 72 -15.98 -15.25 -3.64
C ASN B 72 -14.66 -16.01 -3.70
N THR B 73 -13.68 -15.58 -2.91
CA THR B 73 -12.41 -16.28 -2.86
C THR B 73 -12.06 -16.59 -1.41
N PRO B 74 -11.27 -17.64 -1.17
CA PRO B 74 -10.87 -18.07 0.16
C PRO B 74 -10.06 -17.09 1.00
N LEU B 75 -10.31 -17.13 2.30
CA LEU B 75 -9.57 -16.31 3.24
C LEU B 75 -8.69 -17.33 3.94
N LEU B 76 -7.39 -17.07 4.01
CA LEU B 76 -6.50 -17.99 4.67
C LEU B 76 -5.87 -17.38 5.92
N PRO B 77 -5.67 -18.21 6.96
CA PRO B 77 -5.06 -17.77 8.21
C PRO B 77 -3.56 -18.06 8.14
N VAL B 78 -2.73 -17.03 8.28
CA VAL B 78 -1.28 -17.21 8.23
C VAL B 78 -0.62 -16.69 9.50
N LYS B 79 0.33 -17.45 10.04
CA LYS B 79 1.05 -17.02 11.24
C LYS B 79 2.47 -16.64 10.87
N LYS B 80 3.09 -15.80 11.70
CA LYS B 80 4.46 -15.36 11.44
C LYS B 80 5.52 -16.06 12.29
N PRO B 81 5.57 -15.78 13.60
CA PRO B 81 6.57 -16.41 14.46
C PRO B 81 6.67 -17.92 14.27
N GLY B 82 5.86 -18.66 15.01
CA GLY B 82 5.88 -20.12 14.89
C GLY B 82 4.57 -20.76 15.29
N THR B 83 3.62 -19.96 15.77
CA THR B 83 2.33 -20.50 16.19
C THR B 83 1.33 -19.41 16.59
N ASN B 84 1.85 -18.31 17.14
CA ASN B 84 1.01 -17.20 17.57
C ASN B 84 0.70 -16.20 16.46
N ASP B 85 0.04 -15.11 16.84
CA ASP B 85 -0.35 -14.02 15.95
C ASP B 85 -0.66 -14.39 14.51
N TYR B 86 -1.93 -14.25 14.14
CA TYR B 86 -2.40 -14.53 12.79
C TYR B 86 -2.66 -13.22 12.04
N ARG B 87 -3.03 -13.38 10.78
CA ARG B 87 -3.33 -12.25 9.91
C ARG B 87 -4.05 -12.83 8.69
N PRO B 88 -5.12 -12.16 8.23
CA PRO B 88 -5.91 -12.60 7.08
C PRO B 88 -5.25 -12.43 5.73
N VAL B 89 -5.11 -13.53 4.99
CA VAL B 89 -4.54 -13.51 3.65
C VAL B 89 -5.53 -14.12 2.67
N GLN B 90 -5.92 -13.34 1.67
CA GLN B 90 -6.90 -13.80 0.70
C GLN B 90 -6.25 -14.38 -0.56
N ASP B 91 -6.76 -15.52 -1.02
CA ASP B 91 -6.24 -16.13 -2.23
C ASP B 91 -7.03 -15.56 -3.41
N LEU B 92 -6.44 -14.61 -4.12
CA LEU B 92 -7.10 -13.96 -5.25
C LEU B 92 -6.67 -14.48 -6.62
N ARG B 93 -5.96 -15.61 -6.65
CA ARG B 93 -5.50 -16.14 -7.93
C ARG B 93 -6.62 -16.37 -8.97
N GLU B 94 -7.77 -16.88 -8.55
CA GLU B 94 -8.85 -17.12 -9.49
C GLU B 94 -9.46 -15.83 -10.00
N VAL B 95 -9.33 -14.77 -9.21
CA VAL B 95 -9.83 -13.46 -9.61
C VAL B 95 -8.80 -12.83 -10.55
N ASN B 96 -7.53 -12.88 -10.16
CA ASN B 96 -6.47 -12.31 -10.99
C ASN B 96 -6.46 -12.86 -12.41
N LYS B 97 -6.79 -14.14 -12.56
CA LYS B 97 -6.83 -14.76 -13.88
C LYS B 97 -7.95 -14.21 -14.75
N ARG B 98 -8.98 -13.67 -14.10
CA ARG B 98 -10.13 -13.12 -14.81
C ARG B 98 -10.10 -11.61 -15.04
N VAL B 99 -9.07 -10.94 -14.52
CA VAL B 99 -8.92 -9.51 -14.69
C VAL B 99 -8.03 -9.26 -15.88
N GLU B 100 -8.35 -8.22 -16.65
CA GLU B 100 -7.55 -7.88 -17.82
C GLU B 100 -6.15 -7.41 -17.40
N ASP B 101 -5.13 -7.91 -18.08
CA ASP B 101 -3.75 -7.52 -17.78
C ASP B 101 -3.47 -6.06 -18.17
N ILE B 102 -2.43 -5.50 -17.58
CA ILE B 102 -2.00 -4.14 -17.87
C ILE B 102 -0.48 -4.20 -17.96
N HIS B 103 0.11 -3.23 -18.62
CA HIS B 103 1.56 -3.21 -18.76
C HIS B 103 2.20 -2.93 -17.40
N PRO B 104 3.20 -3.73 -17.01
CA PRO B 104 3.88 -3.54 -15.72
C PRO B 104 4.79 -2.31 -15.87
N THR B 105 4.48 -1.24 -15.17
CA THR B 105 5.29 -0.05 -15.30
C THR B 105 6.25 0.18 -14.15
N VAL B 106 6.20 -0.68 -13.14
CA VAL B 106 7.10 -0.55 -12.00
C VAL B 106 8.49 -1.02 -12.41
N PRO B 107 9.48 -0.11 -12.41
CA PRO B 107 10.85 -0.46 -12.79
C PRO B 107 11.48 -1.41 -11.78
N ASN B 108 12.41 -2.25 -12.23
CA ASN B 108 13.07 -3.16 -11.29
C ASN B 108 14.05 -2.32 -10.47
N PRO B 109 14.22 -2.67 -9.18
CA PRO B 109 15.13 -1.95 -8.28
C PRO B 109 16.49 -1.56 -8.88
N TYR B 110 17.08 -2.48 -9.63
CA TYR B 110 18.39 -2.23 -10.26
C TYR B 110 18.36 -1.04 -11.21
N ASN B 111 17.42 -1.04 -12.15
CA ASN B 111 17.33 0.08 -13.08
C ASN B 111 16.89 1.35 -12.36
N LEU B 112 16.01 1.20 -11.36
CA LEU B 112 15.54 2.37 -10.62
C LEU B 112 16.71 3.10 -9.95
N LEU B 113 17.67 2.32 -9.44
CA LEU B 113 18.82 2.90 -8.76
C LEU B 113 19.86 3.58 -9.67
N SER B 114 19.95 3.14 -10.92
CA SER B 114 20.92 3.72 -11.84
C SER B 114 20.72 5.22 -11.99
N GLY B 115 19.50 5.70 -11.74
CA GLY B 115 19.23 7.12 -11.86
C GLY B 115 19.55 7.92 -10.61
N LEU B 116 20.61 7.54 -9.90
CA LEU B 116 21.00 8.24 -8.67
C LEU B 116 22.45 8.72 -8.79
N PRO B 117 22.65 9.99 -9.16
CA PRO B 117 23.99 10.58 -9.32
C PRO B 117 24.85 10.51 -8.05
N PRO B 118 26.19 10.50 -8.22
CA PRO B 118 27.11 10.45 -7.09
C PRO B 118 27.13 11.81 -6.38
N SER B 119 26.55 12.80 -7.03
CA SER B 119 26.49 14.16 -6.50
C SER B 119 25.55 14.28 -5.30
N HIS B 120 24.44 13.55 -5.32
CA HIS B 120 23.48 13.59 -4.22
C HIS B 120 23.86 12.51 -3.20
N GLN B 121 24.41 12.94 -2.08
CA GLN B 121 24.86 12.03 -1.03
C GLN B 121 23.99 11.99 0.21
N TRP B 122 23.03 12.91 0.31
CA TRP B 122 22.13 12.96 1.46
C TRP B 122 20.79 12.31 1.15
N TYR B 123 20.47 11.26 1.90
CA TYR B 123 19.25 10.50 1.66
C TYR B 123 18.20 10.51 2.77
N THR B 124 16.94 10.40 2.35
CA THR B 124 15.81 10.33 3.26
C THR B 124 14.92 9.23 2.69
N VAL B 125 14.84 8.11 3.39
CA VAL B 125 14.02 7.00 2.93
C VAL B 125 12.72 6.90 3.72
N LEU B 126 11.61 6.82 3.00
CA LEU B 126 10.29 6.71 3.61
C LEU B 126 9.55 5.47 3.12
N ASP B 127 8.80 4.83 4.03
CA ASP B 127 8.01 3.66 3.70
C ASP B 127 6.57 4.08 3.94
N LEU B 128 5.73 4.01 2.90
CA LEU B 128 4.34 4.40 3.09
C LEU B 128 3.63 3.23 3.76
N LYS B 129 2.75 3.54 4.71
CA LYS B 129 2.01 2.53 5.45
C LYS B 129 0.65 2.23 4.81
N ASP B 130 0.32 0.95 4.71
CA ASP B 130 -0.95 0.52 4.12
C ASP B 130 -1.21 1.30 2.81
N ALA B 131 -0.19 1.37 1.96
CA ALA B 131 -0.29 2.09 0.70
C ALA B 131 -1.51 1.73 -0.15
N PHE B 132 -1.70 0.44 -0.45
CA PHE B 132 -2.83 0.05 -1.29
C PHE B 132 -4.15 0.57 -0.76
N PHE B 133 -4.39 0.41 0.54
CA PHE B 133 -5.64 0.87 1.15
C PHE B 133 -5.93 2.35 0.96
N CYS B 134 -4.91 3.15 0.60
CA CYS B 134 -5.13 4.57 0.38
C CYS B 134 -5.90 4.85 -0.92
N LEU B 135 -5.89 3.88 -1.83
CA LEU B 135 -6.60 4.06 -3.10
C LEU B 135 -8.00 3.46 -3.02
N ARG B 136 -9.01 4.27 -3.27
CA ARG B 136 -10.39 3.77 -3.22
C ARG B 136 -10.70 2.89 -4.41
N LEU B 137 -11.62 1.95 -4.19
CA LEU B 137 -12.11 1.04 -5.22
C LEU B 137 -13.50 1.51 -5.59
N HIS B 138 -13.80 1.59 -6.88
CA HIS B 138 -15.12 2.02 -7.32
C HIS B 138 -16.17 0.96 -6.94
N PRO B 139 -17.36 1.39 -6.48
CA PRO B 139 -18.44 0.48 -6.09
C PRO B 139 -18.69 -0.66 -7.08
N THR B 140 -18.47 -0.40 -8.37
CA THR B 140 -18.69 -1.43 -9.38
C THR B 140 -17.66 -2.56 -9.34
N SER B 141 -16.45 -2.27 -8.87
CA SER B 141 -15.42 -3.28 -8.83
C SER B 141 -15.27 -3.94 -7.46
N GLN B 142 -15.91 -3.39 -6.44
CA GLN B 142 -15.83 -3.95 -5.10
C GLN B 142 -16.27 -5.43 -4.96
N PRO B 143 -17.42 -5.81 -5.56
CA PRO B 143 -17.94 -7.19 -5.46
C PRO B 143 -16.93 -8.27 -5.84
N LEU B 144 -16.08 -7.91 -6.80
CA LEU B 144 -15.06 -8.77 -7.33
C LEU B 144 -14.17 -9.43 -6.28
N PHE B 145 -13.90 -8.71 -5.19
CA PHE B 145 -12.99 -9.17 -4.16
C PHE B 145 -13.63 -9.72 -2.90
N ALA B 146 -14.92 -10.04 -2.96
CA ALA B 146 -15.63 -10.55 -1.79
C ALA B 146 -15.10 -11.86 -1.23
N PHE B 147 -15.32 -12.08 0.06
CA PHE B 147 -14.91 -13.32 0.73
C PHE B 147 -15.88 -13.54 1.87
N GLU B 148 -16.02 -14.80 2.28
CA GLU B 148 -16.93 -15.16 3.36
C GLU B 148 -16.33 -14.97 4.74
N TRP B 149 -17.11 -14.38 5.64
CA TRP B 149 -16.64 -14.20 7.00
C TRP B 149 -17.67 -14.66 8.00
N ARG B 150 -17.28 -15.67 8.79
CA ARG B 150 -18.14 -16.23 9.82
C ARG B 150 -17.58 -15.91 11.20
N ASP B 151 -18.44 -15.37 12.06
CA ASP B 151 -18.05 -15.04 13.43
C ASP B 151 -18.64 -16.17 14.27
N PRO B 152 -17.88 -16.69 15.25
CA PRO B 152 -18.34 -17.78 16.11
C PRO B 152 -19.84 -18.03 16.06
N GLU B 153 -20.58 -17.34 16.91
CA GLU B 153 -22.03 -17.47 16.96
C GLU B 153 -22.72 -16.27 16.30
N MET B 154 -22.48 -15.09 16.84
CA MET B 154 -23.07 -13.86 16.31
C MET B 154 -22.13 -13.26 15.27
N GLY B 155 -22.40 -13.53 14.00
CA GLY B 155 -21.58 -13.01 12.93
C GLY B 155 -22.39 -12.43 11.80
N ILE B 156 -21.89 -11.37 11.18
CA ILE B 156 -22.56 -10.70 10.06
C ILE B 156 -23.04 -11.72 9.03
N SER B 157 -24.01 -11.33 8.22
CA SER B 157 -24.57 -12.20 7.18
C SER B 157 -23.58 -13.27 6.72
N GLY B 158 -22.61 -12.88 5.90
CA GLY B 158 -21.62 -13.82 5.42
C GLY B 158 -20.49 -13.18 4.63
N GLN B 159 -20.80 -12.52 3.53
CA GLN B 159 -19.76 -11.91 2.71
C GLN B 159 -19.36 -10.47 3.04
N LEU B 160 -18.06 -10.21 2.94
CA LEU B 160 -17.51 -8.88 3.15
C LEU B 160 -16.63 -8.60 1.94
N THR B 161 -16.44 -7.32 1.62
CA THR B 161 -15.55 -7.00 0.53
C THR B 161 -14.83 -5.69 0.80
N TRP B 162 -13.84 -5.39 -0.04
CA TRP B 162 -13.03 -4.20 0.13
C TRP B 162 -13.53 -2.95 -0.59
N THR B 163 -13.22 -1.79 -0.03
CA THR B 163 -13.58 -0.51 -0.64
C THR B 163 -12.29 0.23 -1.00
N ARG B 164 -11.16 -0.45 -0.81
CA ARG B 164 -9.85 0.10 -1.15
C ARG B 164 -9.07 -0.99 -1.90
N LEU B 165 -8.02 -0.59 -2.62
CA LEU B 165 -7.20 -1.52 -3.39
C LEU B 165 -6.68 -2.61 -2.43
N PRO B 166 -7.06 -3.87 -2.66
CA PRO B 166 -6.65 -5.00 -1.82
C PRO B 166 -5.31 -5.68 -2.05
N GLN B 167 -4.83 -6.34 -1.00
CA GLN B 167 -3.58 -7.10 -1.04
C GLN B 167 -3.93 -8.35 -1.84
N GLY B 168 -2.94 -8.91 -2.53
CA GLY B 168 -3.19 -10.11 -3.30
C GLY B 168 -3.70 -9.92 -4.72
N PHE B 169 -4.13 -8.70 -5.04
CA PHE B 169 -4.61 -8.41 -6.39
C PHE B 169 -3.38 -8.15 -7.24
N LYS B 170 -3.26 -8.88 -8.35
CA LYS B 170 -2.08 -8.79 -9.22
C LYS B 170 -1.71 -7.41 -9.75
N ASN B 171 -2.67 -6.50 -9.86
CA ASN B 171 -2.33 -5.17 -10.37
C ASN B 171 -2.17 -4.08 -9.32
N SER B 172 -2.31 -4.41 -8.05
CA SER B 172 -2.19 -3.40 -7.01
C SER B 172 -0.85 -2.63 -7.02
N PRO B 173 0.29 -3.35 -7.06
CA PRO B 173 1.56 -2.62 -7.06
C PRO B 173 1.65 -1.58 -8.17
N THR B 174 1.35 -2.01 -9.39
CA THR B 174 1.40 -1.14 -10.55
C THR B 174 0.43 0.03 -10.48
N LEU B 175 -0.82 -0.26 -10.12
CA LEU B 175 -1.82 0.80 -10.01
C LEU B 175 -1.44 1.80 -8.93
N PHE B 176 -0.89 1.31 -7.82
CA PHE B 176 -0.50 2.24 -6.78
C PHE B 176 0.68 3.09 -7.28
N ASP B 177 1.69 2.43 -7.85
CA ASP B 177 2.87 3.14 -8.35
C ASP B 177 2.51 4.26 -9.32
N GLU B 178 1.58 4.02 -10.23
CA GLU B 178 1.17 5.02 -11.20
C GLU B 178 0.37 6.14 -10.53
N ALA B 179 -0.47 5.78 -9.56
CA ALA B 179 -1.26 6.77 -8.85
C ALA B 179 -0.37 7.76 -8.11
N LEU B 180 0.62 7.23 -7.38
CA LEU B 180 1.53 8.08 -6.60
C LEU B 180 2.42 8.93 -7.51
N HIS B 181 2.77 8.41 -8.70
CA HIS B 181 3.58 9.19 -9.63
C HIS B 181 2.75 10.41 -10.09
N ARG B 182 1.45 10.22 -10.29
CA ARG B 182 0.62 11.34 -10.70
C ARG B 182 0.55 12.36 -9.55
N ASP B 183 0.38 11.89 -8.33
CA ASP B 183 0.28 12.77 -7.16
C ASP B 183 1.57 13.48 -6.77
N LEU B 184 2.73 12.96 -7.21
CA LEU B 184 3.98 13.62 -6.85
C LEU B 184 4.63 14.36 -8.03
N ALA B 185 3.94 14.37 -9.18
CA ALA B 185 4.44 15.05 -10.36
C ALA B 185 4.80 16.52 -10.06
N ASP B 186 3.81 17.30 -9.63
CA ASP B 186 4.04 18.71 -9.32
C ASP B 186 5.19 18.88 -8.32
N PHE B 187 5.24 18.00 -7.33
CA PHE B 187 6.30 18.08 -6.35
C PHE B 187 7.67 17.95 -7.01
N ARG B 188 7.80 17.06 -7.99
CA ARG B 188 9.08 16.89 -8.66
C ARG B 188 9.42 18.17 -9.44
N ILE B 189 8.38 18.90 -9.85
CA ILE B 189 8.59 20.14 -10.60
C ILE B 189 9.07 21.29 -9.70
N GLN B 190 8.59 21.32 -8.46
CA GLN B 190 8.98 22.37 -7.52
C GLN B 190 10.35 22.12 -6.90
N HIS B 191 10.91 20.93 -7.14
CA HIS B 191 12.20 20.59 -6.58
C HIS B 191 13.11 19.94 -7.61
N PRO B 192 13.39 20.67 -8.71
CA PRO B 192 14.24 20.23 -9.82
C PRO B 192 15.58 19.67 -9.37
N ASP B 193 16.10 20.22 -8.27
CA ASP B 193 17.39 19.82 -7.74
C ASP B 193 17.36 18.52 -6.94
N LEU B 194 16.19 18.15 -6.44
CA LEU B 194 16.05 16.92 -5.68
C LEU B 194 15.87 15.69 -6.56
N ILE B 195 16.31 14.54 -6.05
CA ILE B 195 16.16 13.28 -6.77
C ILE B 195 15.15 12.45 -6.00
N LEU B 196 14.08 12.03 -6.69
CA LEU B 196 13.03 11.21 -6.07
C LEU B 196 12.83 9.87 -6.76
N LEU B 197 13.06 8.79 -6.03
CA LEU B 197 12.88 7.44 -6.56
C LEU B 197 11.64 6.79 -5.95
N GLN B 198 10.78 6.22 -6.79
CA GLN B 198 9.59 5.55 -6.29
C GLN B 198 9.56 4.10 -6.69
N TYR B 199 9.28 3.24 -5.72
CA TYR B 199 9.15 1.82 -5.97
C TYR B 199 7.92 1.40 -5.17
N VAL B 200 6.73 1.66 -5.73
CA VAL B 200 5.47 1.34 -5.08
C VAL B 200 5.38 2.18 -3.80
N ASP B 201 5.51 1.55 -2.65
CA ASP B 201 5.43 2.30 -1.41
C ASP B 201 6.80 2.63 -0.78
N ASP B 202 7.89 2.37 -1.50
CA ASP B 202 9.23 2.67 -0.97
C ASP B 202 9.83 3.88 -1.66
N LEU B 203 10.03 4.95 -0.90
CA LEU B 203 10.54 6.19 -1.47
C LEU B 203 11.95 6.60 -1.04
N LEU B 204 12.71 7.11 -2.01
CA LEU B 204 14.07 7.56 -1.74
C LEU B 204 14.26 8.99 -2.24
N LEU B 205 14.55 9.91 -1.31
CA LEU B 205 14.78 11.31 -1.68
C LEU B 205 16.29 11.55 -1.59
N ALA B 206 16.86 12.15 -2.63
CA ALA B 206 18.30 12.42 -2.66
C ALA B 206 18.60 13.91 -2.82
N ALA B 207 19.48 14.42 -1.97
CA ALA B 207 19.86 15.83 -2.04
C ALA B 207 21.38 15.99 -2.07
N THR B 208 21.82 17.17 -2.52
CA THR B 208 23.24 17.47 -2.61
C THR B 208 23.82 17.83 -1.24
N SER B 209 23.05 18.56 -0.43
CA SER B 209 23.49 18.97 0.89
C SER B 209 22.52 18.51 1.98
N GLU B 210 23.02 18.37 3.20
CA GLU B 210 22.18 17.96 4.33
C GLU B 210 21.03 18.93 4.53
N LEU B 211 21.21 20.18 4.12
CA LEU B 211 20.15 21.18 4.28
C LEU B 211 19.06 21.00 3.22
N ASP B 212 19.47 20.95 1.96
CA ASP B 212 18.51 20.76 0.86
C ASP B 212 17.67 19.53 1.17
N CYS B 213 18.32 18.53 1.75
CA CYS B 213 17.65 17.30 2.12
C CYS B 213 16.60 17.60 3.18
N GLN B 214 16.98 18.37 4.20
CA GLN B 214 16.06 18.73 5.27
C GLN B 214 14.85 19.46 4.70
N GLN B 215 15.12 20.42 3.82
CA GLN B 215 14.06 21.20 3.19
C GLN B 215 13.27 20.30 2.26
N GLY B 216 13.94 19.33 1.66
CA GLY B 216 13.27 18.40 0.76
C GLY B 216 12.35 17.49 1.55
N THR B 217 12.90 16.84 2.57
CA THR B 217 12.15 15.94 3.42
C THR B 217 10.89 16.61 3.99
N ARG B 218 11.00 17.87 4.38
CA ARG B 218 9.84 18.60 4.92
C ARG B 218 8.78 18.75 3.83
N ALA B 219 9.17 19.27 2.68
CA ALA B 219 8.23 19.48 1.58
C ALA B 219 7.58 18.18 1.12
N LEU B 220 8.34 17.08 1.16
CA LEU B 220 7.80 15.79 0.75
C LEU B 220 6.77 15.30 1.75
N LEU B 221 7.15 15.33 3.04
CA LEU B 221 6.25 14.90 4.11
C LEU B 221 4.98 15.72 4.05
N GLN B 222 5.14 17.03 3.91
CA GLN B 222 3.97 17.90 3.87
C GLN B 222 3.09 17.56 2.67
N THR B 223 3.72 17.29 1.53
CA THR B 223 2.95 16.97 0.34
C THR B 223 2.24 15.62 0.48
N LEU B 224 2.97 14.60 0.94
CA LEU B 224 2.38 13.28 1.11
C LEU B 224 1.19 13.36 2.06
N GLY B 225 1.38 14.07 3.17
CA GLY B 225 0.33 14.22 4.15
C GLY B 225 -0.92 14.86 3.59
N ASN B 226 -0.77 15.99 2.92
CA ASN B 226 -1.92 16.69 2.35
C ASN B 226 -2.60 15.88 1.23
N LEU B 227 -1.86 14.99 0.59
CA LEU B 227 -2.42 14.18 -0.49
C LEU B 227 -3.23 12.99 0.03
N GLY B 228 -3.00 12.62 1.29
CA GLY B 228 -3.73 11.50 1.88
C GLY B 228 -2.90 10.27 2.16
N TYR B 229 -1.59 10.34 1.93
CA TYR B 229 -0.71 9.20 2.17
C TYR B 229 -0.10 9.27 3.57
N ARG B 230 0.39 8.12 4.06
CA ARG B 230 0.99 8.06 5.38
C ARG B 230 2.32 7.31 5.36
N ALA B 231 3.35 7.96 5.93
CA ALA B 231 4.68 7.37 6.01
C ALA B 231 4.86 6.80 7.43
N SER B 232 5.73 5.81 7.56
CA SER B 232 5.99 5.16 8.83
C SER B 232 7.14 5.84 9.58
N ALA B 233 6.83 6.45 10.72
CA ALA B 233 7.84 7.14 11.53
C ALA B 233 8.89 6.19 12.09
N LYS B 234 8.48 4.99 12.47
CA LYS B 234 9.40 4.02 13.03
C LYS B 234 10.53 3.60 12.08
N LYS B 235 10.22 3.46 10.79
CA LYS B 235 11.25 3.05 9.82
C LYS B 235 11.95 4.22 9.14
N ALA B 236 11.30 5.37 9.14
CA ALA B 236 11.83 6.58 8.50
C ALA B 236 13.33 6.86 8.73
N GLN B 237 14.10 6.82 7.64
CA GLN B 237 15.53 7.11 7.70
C GLN B 237 15.72 8.51 7.13
N ILE B 238 15.76 9.49 8.01
CA ILE B 238 15.88 10.88 7.58
C ILE B 238 17.28 11.45 7.49
N CYS B 239 17.50 12.29 6.48
CA CYS B 239 18.78 12.94 6.23
C CYS B 239 19.98 12.17 6.74
N GLN B 240 20.26 11.05 6.09
CA GLN B 240 21.39 10.19 6.45
C GLN B 240 22.30 10.15 5.22
N LYS B 241 23.55 9.78 5.43
CA LYS B 241 24.49 9.64 4.32
C LYS B 241 24.64 8.17 4.06
N GLN B 242 23.85 7.39 4.78
CA GLN B 242 23.83 5.95 4.65
C GLN B 242 22.42 5.48 4.99
N VAL B 243 21.82 4.68 4.10
CA VAL B 243 20.48 4.18 4.32
C VAL B 243 20.24 2.82 3.69
N LYS B 244 19.19 2.15 4.14
CA LYS B 244 18.82 0.86 3.60
C LYS B 244 17.66 1.18 2.64
N TYR B 245 17.75 0.71 1.40
CA TYR B 245 16.69 0.97 0.44
C TYR B 245 16.60 -0.12 -0.61
N LEU B 246 15.49 -0.85 -0.60
CA LEU B 246 15.21 -1.93 -1.54
C LEU B 246 16.30 -3.01 -1.48
N GLY B 247 16.73 -3.35 -0.28
CA GLY B 247 17.75 -4.37 -0.13
C GLY B 247 19.18 -3.91 -0.33
N TYR B 248 19.38 -2.66 -0.73
CA TYR B 248 20.73 -2.15 -0.92
C TYR B 248 21.13 -1.28 0.25
N LEU B 249 22.44 -1.13 0.44
CA LEU B 249 22.95 -0.26 1.48
C LEU B 249 23.63 0.87 0.74
N LEU B 250 23.01 2.04 0.76
CA LEU B 250 23.58 3.21 0.09
C LEU B 250 24.53 3.93 1.02
N LYS B 251 25.74 4.19 0.52
CA LYS B 251 26.76 4.86 1.30
C LYS B 251 27.86 5.39 0.39
N GLU B 252 28.21 6.66 0.59
CA GLU B 252 29.26 7.29 -0.21
C GLU B 252 28.92 7.28 -1.71
N GLY B 253 27.76 6.74 -2.06
CA GLY B 253 27.35 6.69 -3.46
C GLY B 253 27.57 5.34 -4.11
N GLN B 254 27.62 4.29 -3.28
CA GLN B 254 27.83 2.93 -3.77
C GLN B 254 26.54 2.10 -3.75
N ARG B 255 26.43 1.22 -4.73
CA ARG B 255 25.26 0.34 -4.86
C ARG B 255 24.03 1.09 -5.39
#